data_1YHZ
#
_entry.id   1YHZ
#
_cell.length_a   178.515
_cell.length_b   178.515
_cell.length_c   185.683
_cell.angle_alpha   90.00
_cell.angle_beta   90.00
_cell.angle_gamma   120.00
#
_symmetry.space_group_name_H-M   'P 64 2 2'
#
loop_
_entity.id
_entity.type
_entity.pdbx_description
1 polymer 'Acetolactate synthase'
2 non-polymer 'MAGNESIUM ION'
3 non-polymer 1-(2-CHLOROPHENYLSULFONYL)-3-(4-METHOXY-6-METHYL-L,3,5-TRIAZIN-2-YL)UREA
4 non-polymer 'ETHYL DIHYDROGEN DIPHOSPHATE'
5 non-polymer 'FLAVIN-ADENINE DINUCLEOTIDE'
6 non-polymer '2-[N-CYCLOHEXYLAMINO]ETHANE SULFONIC ACID'
7 water water
#
_entity_poly.entity_id   1
_entity_poly.type   'polypeptide(L)'
_entity_poly.pdbx_seq_one_letter_code
;TFISRFAPDQPRKGADILVEALERQGVETVFAYPGGASMEIHQALTRSSSIRNVLPRHEQGGVFAAEGYARSSGKPGICI
ATSGPGATNLVSGLADALLDSVPLVAITGQVPRRMIGTDAFQETPIVEVTRSITKHNYLVMDVEDIPRIIEEAFFLATSG
RPGPVLVDVPKDIQQQLAIPNWEQAMRLPGYMSRMPKPPEDSHLEQIVRLISESKKPVLYVGGGCLNSSDELGRFVELTG
IPVASTLMGLGSYP(CSD)DDELSLHMLGMHGTVYANYAVEHSDLLLAFGVRFDDRVTGKLEAFASRAKIVHIDIDSAEI
GKNKTPHVSVCGDVKLALQGMNKVLENRAEELKLDFGVWRNELNVQKQKFPLSFKTFGEAIPPQYAIKVLDELTDGKAII
STGVGQHQMWAAQFYNYKKPRQWLSSGGLGAMGFGLPAAIGASVANPDAIVVDIDGDGSFIMNVQELATIRVENLPVKVL
LLNNQHLGMVMQWEDRFYKANRAHTFLGDPAQEDEIFPNMLLFAAACGIPAARVTKKADLREAIQTMLDTPGPYLLDVIC
PHQEHVLPMIPSGGTFNDVITEGDGRLEHHHHHH
;
_entity_poly.pdbx_strand_id   A
#
loop_
_chem_comp.id
_chem_comp.type
_chem_comp.name
_chem_comp.formula
1CS non-polymer 1-(2-CHLOROPHENYLSULFONYL)-3-(4-METHOXY-6-METHYL-L,3,5-TRIAZIN-2-YL)UREA 'C12 H12 Cl N5 O4 S'
FAD non-polymer 'FLAVIN-ADENINE DINUCLEOTIDE' 'C27 H33 N9 O15 P2'
MG non-polymer 'MAGNESIUM ION' 'Mg 2'
NHE non-polymer '2-[N-CYCLOHEXYLAMINO]ETHANE SULFONIC ACID' 'C8 H17 N O3 S'
P22 non-polymer 'ETHYL DIHYDROGEN DIPHOSPHATE' 'C2 H8 O7 P2'
#
# COMPACT_ATOMS: atom_id res chain seq x y z
N THR A 1 -15.54 -29.70 -10.11
CA THR A 1 -16.15 -28.43 -9.61
C THR A 1 -16.03 -27.30 -10.64
N PHE A 2 -14.81 -27.07 -11.13
CA PHE A 2 -14.58 -26.01 -12.11
C PHE A 2 -15.06 -26.45 -13.49
N ILE A 3 -15.91 -25.63 -14.11
CA ILE A 3 -16.42 -25.95 -15.43
C ILE A 3 -15.63 -25.16 -16.49
N SER A 4 -14.84 -25.88 -17.28
CA SER A 4 -14.05 -25.27 -18.34
C SER A 4 -14.95 -24.92 -19.50
N ARG A 5 -14.40 -24.31 -20.55
CA ARG A 5 -15.18 -23.95 -21.72
C ARG A 5 -14.69 -24.77 -22.90
N PHE A 6 -13.77 -25.69 -22.64
CA PHE A 6 -13.22 -26.55 -23.67
C PHE A 6 -13.27 -28.01 -23.23
N ALA A 7 -13.48 -28.92 -24.19
CA ALA A 7 -13.53 -30.35 -23.88
C ALA A 7 -12.19 -30.76 -23.29
N PRO A 8 -12.20 -31.67 -22.31
CA PRO A 8 -10.98 -32.14 -21.65
C PRO A 8 -9.92 -32.68 -22.62
N ASP A 9 -10.34 -32.94 -23.86
CA ASP A 9 -9.43 -33.47 -24.86
C ASP A 9 -9.32 -32.57 -26.08
N GLN A 10 -9.94 -31.39 -26.00
CA GLN A 10 -9.91 -30.46 -27.11
C GLN A 10 -8.73 -29.50 -27.00
N PRO A 11 -7.86 -29.49 -28.01
CA PRO A 11 -6.71 -28.59 -28.00
C PRO A 11 -7.15 -27.15 -28.20
N ARG A 12 -6.50 -26.23 -27.50
CA ARG A 12 -6.82 -24.81 -27.65
C ARG A 12 -5.54 -23.99 -27.54
N LYS A 13 -5.61 -22.74 -27.95
CA LYS A 13 -4.47 -21.85 -27.91
C LYS A 13 -3.90 -21.67 -26.50
N GLY A 14 -2.60 -21.43 -26.42
CA GLY A 14 -1.95 -21.22 -25.14
C GLY A 14 -2.57 -20.02 -24.45
N ALA A 15 -3.03 -19.07 -25.26
CA ALA A 15 -3.66 -17.86 -24.72
C ALA A 15 -4.91 -18.28 -23.93
N ASP A 16 -5.70 -19.17 -24.52
CA ASP A 16 -6.92 -19.65 -23.86
C ASP A 16 -6.58 -20.45 -22.61
N ILE A 17 -5.45 -21.14 -22.65
CA ILE A 17 -5.04 -21.92 -21.49
C ILE A 17 -4.66 -20.96 -20.38
N LEU A 18 -3.91 -19.92 -20.73
CA LEU A 18 -3.50 -18.92 -19.76
C LEU A 18 -4.72 -18.28 -19.08
N VAL A 19 -5.74 -17.95 -19.85
CA VAL A 19 -6.94 -17.34 -19.27
C VAL A 19 -7.64 -18.32 -18.34
N GLU A 20 -7.79 -19.58 -18.76
CA GLU A 20 -8.44 -20.55 -17.90
C GLU A 20 -7.59 -20.76 -16.64
N ALA A 21 -6.27 -20.67 -16.80
CA ALA A 21 -5.38 -20.81 -15.67
C ALA A 21 -5.74 -19.74 -14.64
N LEU A 22 -6.12 -18.57 -15.15
CA LEU A 22 -6.50 -17.46 -14.28
C LEU A 22 -7.85 -17.71 -13.61
N GLU A 23 -8.82 -18.17 -14.38
CA GLU A 23 -10.16 -18.45 -13.84
C GLU A 23 -10.07 -19.52 -12.76
N ARG A 24 -9.20 -20.50 -12.98
CA ARG A 24 -9.02 -21.59 -12.02
C ARG A 24 -8.37 -21.09 -10.75
N GLN A 25 -7.78 -19.90 -10.80
CA GLN A 25 -7.15 -19.30 -9.63
C GLN A 25 -8.13 -18.39 -8.93
N GLY A 26 -9.33 -18.26 -9.50
CA GLY A 26 -10.35 -17.42 -8.90
C GLY A 26 -10.34 -15.97 -9.35
N VAL A 27 -9.51 -15.65 -10.32
CA VAL A 27 -9.41 -14.28 -10.83
C VAL A 27 -10.72 -13.85 -11.48
N GLU A 28 -11.14 -12.61 -11.21
CA GLU A 28 -12.38 -12.07 -11.77
C GLU A 28 -12.12 -10.75 -12.48
N THR A 29 -11.02 -10.10 -12.12
CA THR A 29 -10.66 -8.81 -12.70
C THR A 29 -9.18 -8.73 -13.03
N VAL A 30 -8.87 -8.17 -14.19
CA VAL A 30 -7.49 -7.98 -14.60
C VAL A 30 -7.44 -6.59 -15.22
N PHE A 31 -6.28 -5.95 -15.14
CA PHE A 31 -6.10 -4.63 -15.73
C PHE A 31 -5.14 -4.80 -16.90
N ALA A 32 -5.68 -4.84 -18.10
CA ALA A 32 -4.89 -5.09 -19.28
C ALA A 32 -5.04 -4.07 -20.40
N TYR A 33 -3.89 -3.67 -20.96
CA TYR A 33 -3.83 -2.73 -22.07
C TYR A 33 -3.27 -3.52 -23.24
N PRO A 34 -4.07 -3.70 -24.30
CA PRO A 34 -3.69 -4.45 -25.50
C PRO A 34 -2.50 -3.92 -26.30
N GLY A 35 -1.77 -4.85 -26.88
CA GLY A 35 -0.60 -4.54 -27.70
C GLY A 35 -0.39 -5.74 -28.60
N GLY A 36 0.42 -5.56 -29.65
CA GLY A 36 0.67 -6.65 -30.58
C GLY A 36 1.04 -7.99 -29.97
N ALA A 37 2.06 -8.00 -29.12
CA ALA A 37 2.52 -9.23 -28.50
C ALA A 37 1.51 -9.87 -27.54
N SER A 38 0.49 -9.12 -27.13
CA SER A 38 -0.50 -9.69 -26.22
C SER A 38 -1.92 -9.79 -26.81
N MET A 39 -2.06 -9.53 -28.10
CA MET A 39 -3.37 -9.59 -28.74
C MET A 39 -4.09 -10.91 -28.48
N GLU A 40 -3.41 -12.02 -28.68
CA GLU A 40 -4.00 -13.33 -28.46
C GLU A 40 -4.62 -13.42 -27.07
N ILE A 41 -3.89 -12.95 -26.07
CA ILE A 41 -4.38 -13.00 -24.71
C ILE A 41 -5.65 -12.18 -24.55
N HIS A 42 -5.70 -11.01 -25.17
CA HIS A 42 -6.89 -10.16 -25.08
C HIS A 42 -8.07 -10.84 -25.76
N GLN A 43 -7.83 -11.49 -26.89
CA GLN A 43 -8.88 -12.20 -27.59
C GLN A 43 -9.42 -13.30 -26.69
N ALA A 44 -8.53 -14.04 -26.04
CA ALA A 44 -8.93 -15.11 -25.15
C ALA A 44 -9.75 -14.54 -23.99
N LEU A 45 -9.36 -13.35 -23.55
CA LEU A 45 -10.04 -12.68 -22.46
C LEU A 45 -11.51 -12.39 -22.79
N THR A 46 -11.79 -11.99 -24.02
CA THR A 46 -13.16 -11.70 -24.42
C THR A 46 -14.02 -12.96 -24.42
N ARG A 47 -13.37 -14.13 -24.51
CA ARG A 47 -14.12 -15.38 -24.53
C ARG A 47 -14.48 -15.79 -23.12
N SER A 48 -13.86 -15.16 -22.14
CA SER A 48 -14.15 -15.48 -20.74
C SER A 48 -15.39 -14.71 -20.33
N SER A 49 -16.18 -15.30 -19.46
CA SER A 49 -17.39 -14.63 -18.99
C SER A 49 -17.28 -14.34 -17.50
N SER A 50 -16.26 -14.90 -16.85
CA SER A 50 -16.08 -14.67 -15.43
C SER A 50 -15.02 -13.62 -15.12
N ILE A 51 -14.20 -13.26 -16.10
CA ILE A 51 -13.18 -12.25 -15.85
C ILE A 51 -13.49 -10.96 -16.58
N ARG A 52 -13.46 -9.84 -15.86
CA ARG A 52 -13.71 -8.56 -16.51
C ARG A 52 -12.38 -7.84 -16.60
N ASN A 53 -12.18 -7.09 -17.68
CA ASN A 53 -10.96 -6.34 -17.85
C ASN A 53 -11.25 -4.87 -17.74
N VAL A 54 -10.39 -4.19 -16.99
CA VAL A 54 -10.52 -2.75 -16.83
C VAL A 54 -9.37 -2.16 -17.63
N LEU A 55 -9.68 -1.68 -18.83
CA LEU A 55 -8.69 -1.08 -19.71
C LEU A 55 -8.20 0.27 -19.19
N PRO A 56 -6.93 0.34 -18.76
CA PRO A 56 -6.40 1.61 -18.25
C PRO A 56 -6.00 2.47 -19.43
N ARG A 57 -5.48 3.67 -19.18
CA ARG A 57 -5.04 4.52 -20.28
C ARG A 57 -3.51 4.56 -20.35
N HIS A 58 -2.89 3.87 -19.40
CA HIS A 58 -1.45 3.75 -19.35
C HIS A 58 -1.15 2.53 -18.51
N GLU A 59 -0.23 1.70 -19.00
CA GLU A 59 0.17 0.46 -18.33
C GLU A 59 0.53 0.72 -16.87
N GLN A 60 1.14 1.87 -16.58
CA GLN A 60 1.47 2.18 -15.19
C GLN A 60 0.16 2.33 -14.43
N GLY A 61 -0.85 2.86 -15.11
CA GLY A 61 -2.15 3.00 -14.49
C GLY A 61 -2.64 1.60 -14.16
N GLY A 62 -2.42 0.68 -15.11
CA GLY A 62 -2.82 -0.70 -14.91
C GLY A 62 -2.21 -1.35 -13.68
N VAL A 63 -0.89 -1.25 -13.52
CA VAL A 63 -0.23 -1.83 -12.36
C VAL A 63 -0.73 -1.24 -11.06
N PHE A 64 -0.72 0.09 -10.98
CA PHE A 64 -1.17 0.78 -9.77
C PHE A 64 -2.63 0.41 -9.46
N ALA A 65 -3.45 0.23 -10.49
CA ALA A 65 -4.84 -0.18 -10.27
C ALA A 65 -4.80 -1.59 -9.64
N ALA A 66 -3.99 -2.46 -10.22
CA ALA A 66 -3.85 -3.82 -9.72
C ALA A 66 -3.41 -3.81 -8.26
N GLU A 67 -2.48 -2.91 -7.92
CA GLU A 67 -2.05 -2.80 -6.53
C GLU A 67 -3.21 -2.38 -5.65
N GLY A 68 -3.96 -1.36 -6.12
CA GLY A 68 -5.10 -0.87 -5.38
C GLY A 68 -6.04 -2.01 -5.09
N TYR A 69 -6.37 -2.76 -6.14
CA TYR A 69 -7.25 -3.93 -6.05
C TYR A 69 -6.73 -4.87 -4.95
N ALA A 70 -5.46 -5.24 -5.05
CA ALA A 70 -4.84 -6.15 -4.07
C ALA A 70 -4.81 -5.59 -2.64
N ARG A 71 -4.29 -4.38 -2.49
CA ARG A 71 -4.18 -3.75 -1.18
C ARG A 71 -5.52 -3.56 -0.46
N SER A 72 -6.60 -3.41 -1.22
CA SER A 72 -7.91 -3.20 -0.62
C SER A 72 -8.76 -4.45 -0.45
N SER A 73 -8.30 -5.57 -0.98
CA SER A 73 -9.08 -6.81 -0.91
C SER A 73 -8.39 -7.96 -0.22
N GLY A 74 -7.08 -8.04 -0.37
CA GLY A 74 -6.36 -9.15 0.24
C GLY A 74 -6.07 -10.19 -0.82
N LYS A 75 -6.62 -10.03 -2.02
CA LYS A 75 -6.32 -10.97 -3.09
C LYS A 75 -5.24 -10.40 -3.99
N PRO A 76 -4.65 -11.23 -4.86
CA PRO A 76 -3.60 -10.72 -5.75
C PRO A 76 -4.15 -9.82 -6.85
N GLY A 77 -3.35 -8.84 -7.26
CA GLY A 77 -3.78 -7.95 -8.33
C GLY A 77 -3.17 -8.47 -9.62
N ILE A 78 -3.95 -8.43 -10.70
CA ILE A 78 -3.46 -8.93 -11.96
C ILE A 78 -3.46 -7.88 -13.06
N CYS A 79 -2.30 -7.66 -13.66
CA CYS A 79 -2.21 -6.70 -14.75
C CYS A 79 -1.55 -7.40 -15.92
N ILE A 80 -1.96 -7.01 -17.13
CA ILE A 80 -1.42 -7.60 -18.33
C ILE A 80 -0.97 -6.48 -19.25
N ALA A 81 0.15 -6.68 -19.92
CA ALA A 81 0.69 -5.68 -20.82
C ALA A 81 1.35 -6.36 -22.00
N THR A 82 1.51 -5.64 -23.10
CA THR A 82 2.15 -6.20 -24.27
C THR A 82 3.68 -6.16 -24.08
N SER A 83 4.42 -6.54 -25.10
CA SER A 83 5.88 -6.56 -25.00
C SER A 83 6.49 -5.16 -25.05
N GLY A 84 7.80 -5.10 -24.81
CA GLY A 84 8.53 -3.85 -24.85
C GLY A 84 8.02 -2.68 -24.03
N PRO A 85 7.55 -1.62 -24.69
CA PRO A 85 7.03 -0.43 -24.00
C PRO A 85 5.89 -0.75 -23.04
N GLY A 86 5.11 -1.77 -23.37
CA GLY A 86 4.03 -2.15 -22.49
C GLY A 86 4.68 -2.62 -21.20
N ALA A 87 5.54 -3.62 -21.33
CA ALA A 87 6.26 -4.20 -20.20
C ALA A 87 7.07 -3.20 -19.41
N THR A 88 7.90 -2.39 -20.07
CA THR A 88 8.70 -1.44 -19.31
C THR A 88 7.83 -0.47 -18.52
N ASN A 89 6.61 -0.23 -18.98
CA ASN A 89 5.72 0.69 -18.27
C ASN A 89 5.16 0.18 -16.94
N LEU A 90 5.43 -1.09 -16.61
CA LEU A 90 4.95 -1.65 -15.35
C LEU A 90 6.02 -1.59 -14.26
N VAL A 91 7.27 -1.42 -14.69
CA VAL A 91 8.39 -1.40 -13.77
C VAL A 91 8.17 -0.70 -12.42
N SER A 92 7.71 0.54 -12.42
CA SER A 92 7.48 1.25 -11.16
C SER A 92 6.48 0.51 -10.28
N GLY A 93 5.45 -0.05 -10.91
CA GLY A 93 4.44 -0.77 -10.17
C GLY A 93 5.01 -2.01 -9.52
N LEU A 94 5.83 -2.75 -10.26
CA LEU A 94 6.44 -3.96 -9.74
C LEU A 94 7.35 -3.59 -8.56
N ALA A 95 8.24 -2.63 -8.76
CA ALA A 95 9.14 -2.21 -7.69
C ALA A 95 8.34 -1.81 -6.46
N ASP A 96 7.22 -1.13 -6.70
CA ASP A 96 6.35 -0.65 -5.64
C ASP A 96 5.75 -1.83 -4.87
N ALA A 97 5.27 -2.82 -5.62
CA ALA A 97 4.66 -4.01 -5.03
C ALA A 97 5.66 -4.83 -4.24
N LEU A 98 6.91 -4.88 -4.72
CA LEU A 98 7.93 -5.64 -4.02
C LEU A 98 8.29 -4.99 -2.70
N LEU A 99 8.51 -3.68 -2.72
CA LEU A 99 8.87 -2.96 -1.50
C LEU A 99 7.75 -2.92 -0.47
N ASP A 100 6.50 -2.94 -0.89
CA ASP A 100 5.40 -2.91 0.07
C ASP A 100 4.80 -4.28 0.33
N SER A 101 5.38 -5.30 -0.29
CA SER A 101 4.94 -6.67 -0.14
C SER A 101 3.48 -6.87 -0.50
N VAL A 102 3.12 -6.38 -1.68
CA VAL A 102 1.77 -6.48 -2.21
C VAL A 102 1.66 -7.66 -3.19
N PRO A 103 0.76 -8.62 -2.91
CA PRO A 103 0.60 -9.77 -3.81
C PRO A 103 0.18 -9.30 -5.19
N LEU A 104 0.98 -9.62 -6.20
CA LEU A 104 0.66 -9.19 -7.55
C LEU A 104 1.21 -10.13 -8.61
N VAL A 105 0.42 -10.37 -9.65
CA VAL A 105 0.85 -11.22 -10.76
C VAL A 105 0.74 -10.43 -12.05
N ALA A 106 1.88 -10.11 -12.64
CA ALA A 106 1.92 -9.35 -13.88
C ALA A 106 2.25 -10.28 -15.04
N ILE A 107 1.47 -10.16 -16.10
CA ILE A 107 1.68 -10.99 -17.29
C ILE A 107 2.01 -10.09 -18.48
N THR A 108 3.11 -10.39 -19.17
CA THR A 108 3.48 -9.59 -20.32
C THR A 108 3.70 -10.45 -21.55
N GLY A 109 3.31 -9.90 -22.70
CA GLY A 109 3.50 -10.63 -23.93
C GLY A 109 4.95 -10.44 -24.31
N GLN A 110 5.47 -11.35 -25.11
CA GLN A 110 6.86 -11.27 -25.57
C GLN A 110 6.84 -11.58 -27.04
N VAL A 111 7.96 -11.26 -27.69
CA VAL A 111 8.10 -11.53 -29.10
C VAL A 111 8.19 -13.06 -29.22
N PRO A 112 8.00 -13.59 -30.42
CA PRO A 112 8.08 -15.05 -30.60
C PRO A 112 9.44 -15.55 -30.08
N ARG A 113 9.44 -16.72 -29.43
CA ARG A 113 10.66 -17.29 -28.86
C ARG A 113 11.91 -17.23 -29.72
N ARG A 114 11.79 -17.66 -30.98
CA ARG A 114 12.94 -17.67 -31.88
C ARG A 114 13.56 -16.31 -32.11
N MET A 115 12.82 -15.25 -31.85
CA MET A 115 13.32 -13.90 -32.06
C MET A 115 13.87 -13.25 -30.81
N ILE A 116 13.74 -13.93 -29.69
CA ILE A 116 14.25 -13.39 -28.44
C ILE A 116 15.76 -13.19 -28.59
N GLY A 117 16.24 -12.03 -28.14
CA GLY A 117 17.65 -11.73 -28.22
C GLY A 117 18.13 -11.15 -29.55
N THR A 118 17.21 -10.93 -30.48
CA THR A 118 17.60 -10.39 -31.78
C THR A 118 17.23 -8.93 -31.98
N ASP A 119 16.87 -8.23 -30.90
CA ASP A 119 16.48 -6.83 -31.00
C ASP A 119 15.27 -6.71 -31.90
N ALA A 120 14.33 -7.65 -31.72
CA ALA A 120 13.12 -7.69 -32.51
C ALA A 120 12.20 -6.52 -32.21
N PHE A 121 11.17 -6.39 -33.04
CA PHE A 121 10.18 -5.34 -32.87
C PHE A 121 9.57 -5.37 -31.47
N GLN A 122 9.61 -4.22 -30.81
CA GLN A 122 9.05 -4.10 -29.47
C GLN A 122 9.54 -5.18 -28.51
N GLU A 123 10.83 -5.48 -28.56
CA GLU A 123 11.41 -6.47 -27.67
C GLU A 123 12.16 -5.83 -26.52
N THR A 124 11.99 -6.42 -25.34
CA THR A 124 12.67 -5.94 -24.15
C THR A 124 12.93 -7.14 -23.27
N PRO A 125 14.16 -7.26 -22.75
CA PRO A 125 14.47 -8.41 -21.88
C PRO A 125 13.85 -8.12 -20.51
N ILE A 126 12.53 -8.13 -20.46
CA ILE A 126 11.81 -7.81 -19.24
C ILE A 126 12.16 -8.69 -18.05
N VAL A 127 12.37 -9.98 -18.30
CA VAL A 127 12.70 -10.91 -17.21
C VAL A 127 14.03 -10.47 -16.58
N GLU A 128 14.95 -10.02 -17.43
CA GLU A 128 16.27 -9.56 -16.98
C GLU A 128 16.15 -8.24 -16.25
N VAL A 129 15.31 -7.36 -16.78
CA VAL A 129 15.09 -6.04 -16.21
C VAL A 129 14.41 -6.09 -14.85
N THR A 130 13.43 -6.98 -14.72
CA THR A 130 12.65 -7.09 -13.50
C THR A 130 13.08 -8.09 -12.43
N ARG A 131 14.17 -8.79 -12.65
CA ARG A 131 14.63 -9.79 -11.68
C ARG A 131 14.89 -9.22 -10.29
N SER A 132 15.45 -8.01 -10.23
CA SER A 132 15.75 -7.42 -8.93
C SER A 132 14.60 -6.63 -8.34
N ILE A 133 13.50 -6.50 -9.09
CA ILE A 133 12.35 -5.76 -8.58
C ILE A 133 11.05 -6.55 -8.54
N THR A 134 11.17 -7.86 -8.47
CA THR A 134 10.00 -8.74 -8.39
C THR A 134 10.34 -9.87 -7.43
N LYS A 135 9.34 -10.48 -6.81
CA LYS A 135 9.62 -11.58 -5.90
C LYS A 135 10.18 -12.75 -6.69
N HIS A 136 9.76 -12.86 -7.95
CA HIS A 136 10.21 -13.91 -8.84
C HIS A 136 9.58 -13.66 -10.21
N ASN A 137 10.19 -14.16 -11.28
CA ASN A 137 9.61 -13.99 -12.61
C ASN A 137 9.90 -15.20 -13.48
N TYR A 138 9.20 -15.32 -14.60
CA TYR A 138 9.36 -16.45 -15.51
C TYR A 138 9.31 -16.05 -16.98
N LEU A 139 9.87 -16.90 -17.82
CA LEU A 139 9.84 -16.72 -19.27
C LEU A 139 9.32 -18.05 -19.75
N VAL A 140 8.05 -18.10 -20.13
CA VAL A 140 7.45 -19.34 -20.59
C VAL A 140 8.05 -19.76 -21.92
N MET A 141 8.67 -20.94 -21.95
CA MET A 141 9.30 -21.44 -23.16
C MET A 141 8.53 -22.57 -23.83
N ASP A 142 7.39 -22.94 -23.26
CA ASP A 142 6.56 -23.99 -23.84
C ASP A 142 5.13 -23.89 -23.33
N VAL A 143 4.17 -23.95 -24.25
CA VAL A 143 2.76 -23.88 -23.91
C VAL A 143 2.41 -24.87 -22.80
N GLU A 144 3.12 -25.99 -22.80
CA GLU A 144 2.90 -27.03 -21.79
C GLU A 144 3.09 -26.54 -20.34
N ASP A 145 3.93 -25.52 -20.16
CA ASP A 145 4.20 -24.98 -18.83
C ASP A 145 3.25 -23.91 -18.33
N ILE A 146 2.36 -23.43 -19.19
CA ILE A 146 1.46 -22.37 -18.76
C ILE A 146 0.71 -22.71 -17.47
N PRO A 147 0.05 -23.87 -17.42
CA PRO A 147 -0.68 -24.19 -16.19
C PRO A 147 0.19 -24.15 -14.94
N ARG A 148 1.31 -24.86 -14.97
CA ARG A 148 2.21 -24.92 -13.82
C ARG A 148 2.78 -23.57 -13.40
N ILE A 149 3.26 -22.81 -14.37
CA ILE A 149 3.83 -21.51 -14.07
C ILE A 149 2.81 -20.56 -13.47
N ILE A 150 1.61 -20.52 -14.04
CA ILE A 150 0.58 -19.66 -13.50
C ILE A 150 0.26 -20.04 -12.07
N GLU A 151 0.11 -21.33 -11.80
CA GLU A 151 -0.17 -21.78 -10.44
C GLU A 151 0.95 -21.36 -9.50
N GLU A 152 2.19 -21.53 -9.94
CA GLU A 152 3.35 -21.17 -9.14
C GLU A 152 3.42 -19.67 -8.87
N ALA A 153 3.09 -18.88 -9.88
CA ALA A 153 3.14 -17.42 -9.75
C ALA A 153 2.17 -16.96 -8.66
N PHE A 154 0.92 -17.40 -8.76
CA PHE A 154 -0.06 -17.02 -7.75
C PHE A 154 0.35 -17.53 -6.38
N PHE A 155 0.88 -18.75 -6.33
CA PHE A 155 1.30 -19.29 -5.07
C PHE A 155 2.40 -18.45 -4.45
N LEU A 156 3.41 -18.13 -5.27
CA LEU A 156 4.54 -17.33 -4.79
C LEU A 156 4.16 -15.91 -4.44
N ALA A 157 3.27 -15.33 -5.24
CA ALA A 157 2.83 -13.96 -5.02
C ALA A 157 2.02 -13.78 -3.73
N THR A 158 1.22 -14.79 -3.39
CA THR A 158 0.36 -14.72 -2.22
C THR A 158 0.87 -15.35 -0.92
N SER A 159 1.75 -16.35 -1.03
CA SER A 159 2.29 -17.03 0.14
C SER A 159 3.47 -16.31 0.80
N GLY A 160 3.81 -16.71 2.01
CA GLY A 160 4.91 -16.10 2.73
C GLY A 160 4.78 -14.59 2.77
N ARG A 161 5.84 -13.90 2.36
CA ARG A 161 5.83 -12.44 2.30
C ARG A 161 5.29 -12.16 0.89
N PRO A 162 4.05 -11.67 0.79
CA PRO A 162 3.47 -11.37 -0.52
C PRO A 162 4.35 -10.45 -1.36
N GLY A 163 4.24 -10.58 -2.68
CA GLY A 163 5.04 -9.75 -3.57
C GLY A 163 4.66 -9.96 -5.02
N PRO A 164 5.24 -9.17 -5.94
CA PRO A 164 4.91 -9.31 -7.35
C PRO A 164 5.67 -10.43 -8.06
N VAL A 165 5.01 -11.05 -9.03
CA VAL A 165 5.59 -12.12 -9.83
C VAL A 165 5.20 -11.86 -11.27
N LEU A 166 6.20 -11.76 -12.14
CA LEU A 166 5.95 -11.49 -13.56
C LEU A 166 6.10 -12.75 -14.40
N VAL A 167 5.22 -12.91 -15.38
CA VAL A 167 5.23 -14.06 -16.26
C VAL A 167 5.29 -13.60 -17.70
N ASP A 168 6.42 -13.86 -18.34
CA ASP A 168 6.66 -13.46 -19.72
C ASP A 168 6.20 -14.56 -20.69
N VAL A 169 5.26 -14.21 -21.57
CA VAL A 169 4.69 -15.18 -22.51
C VAL A 169 4.89 -14.87 -23.99
N PRO A 170 5.83 -15.56 -24.66
CA PRO A 170 6.09 -15.34 -26.08
C PRO A 170 4.83 -15.51 -26.92
N LYS A 171 4.66 -14.65 -27.92
CA LYS A 171 3.50 -14.70 -28.79
C LYS A 171 3.25 -16.04 -29.45
N ASP A 172 4.30 -16.70 -29.91
CA ASP A 172 4.12 -18.00 -30.57
C ASP A 172 3.54 -19.04 -29.61
N ILE A 173 3.81 -18.89 -28.33
CA ILE A 173 3.30 -19.82 -27.34
C ILE A 173 1.82 -19.53 -27.07
N GLN A 174 1.43 -18.27 -27.25
CA GLN A 174 0.05 -17.88 -27.07
C GLN A 174 -0.83 -18.51 -28.15
N GLN A 175 -0.23 -18.73 -29.32
CA GLN A 175 -0.95 -19.29 -30.46
C GLN A 175 -0.86 -20.82 -30.57
N GLN A 176 0.09 -21.41 -29.87
CA GLN A 176 0.27 -22.86 -29.92
C GLN A 176 -0.93 -23.61 -29.33
N LEU A 177 -1.47 -24.55 -30.10
CA LEU A 177 -2.60 -25.35 -29.64
C LEU A 177 -2.11 -26.48 -28.76
N ALA A 178 -2.83 -26.74 -27.68
CA ALA A 178 -2.44 -27.81 -26.78
C ALA A 178 -3.55 -28.17 -25.81
N ILE A 179 -3.40 -29.33 -25.17
CA ILE A 179 -4.36 -29.80 -24.19
C ILE A 179 -3.71 -29.63 -22.83
N PRO A 180 -4.18 -28.67 -22.05
CA PRO A 180 -3.63 -28.41 -20.73
C PRO A 180 -3.78 -29.51 -19.70
N ASN A 181 -2.85 -29.56 -18.76
CA ASN A 181 -2.85 -30.53 -17.67
C ASN A 181 -2.83 -29.70 -16.39
N TRP A 182 -3.96 -29.66 -15.70
CA TRP A 182 -4.07 -28.89 -14.47
C TRP A 182 -3.66 -29.65 -13.23
N GLU A 183 -3.19 -30.89 -13.42
CA GLU A 183 -2.78 -31.74 -12.31
C GLU A 183 -1.29 -31.65 -11.99
N GLN A 184 -0.53 -30.99 -12.85
CA GLN A 184 0.91 -30.86 -12.65
C GLN A 184 1.28 -30.25 -11.31
N ALA A 185 2.33 -30.80 -10.70
CA ALA A 185 2.81 -30.31 -9.41
C ALA A 185 3.78 -29.15 -9.62
N MET A 186 3.74 -28.20 -8.70
CA MET A 186 4.63 -27.04 -8.76
C MET A 186 6.06 -27.45 -8.43
N ARG A 187 7.02 -26.76 -9.03
CA ARG A 187 8.42 -27.04 -8.78
C ARG A 187 9.03 -26.02 -7.86
N LEU A 188 8.61 -26.03 -6.60
CA LEU A 188 9.15 -25.07 -5.64
C LEU A 188 9.69 -25.76 -4.38
N PRO A 189 10.48 -26.85 -4.55
CA PRO A 189 11.03 -27.56 -3.40
C PRO A 189 11.75 -26.67 -2.39
N GLY A 190 12.61 -25.78 -2.87
CA GLY A 190 13.34 -24.91 -1.96
C GLY A 190 12.41 -23.99 -1.19
N TYR A 191 11.54 -23.29 -1.90
CA TYR A 191 10.58 -22.36 -1.30
C TYR A 191 9.67 -23.05 -0.28
N MET A 192 9.10 -24.19 -0.67
CA MET A 192 8.19 -24.94 0.20
C MET A 192 8.87 -25.30 1.50
N SER A 193 10.06 -25.87 1.41
CA SER A 193 10.79 -26.28 2.60
C SER A 193 11.17 -25.10 3.49
N ARG A 194 11.20 -23.91 2.90
CA ARG A 194 11.56 -22.70 3.64
C ARG A 194 10.35 -22.07 4.35
N MET A 195 9.15 -22.37 3.88
CA MET A 195 7.94 -21.81 4.48
C MET A 195 7.91 -22.05 5.97
N PRO A 196 7.76 -20.96 6.76
CA PRO A 196 7.73 -21.05 8.21
C PRO A 196 6.64 -22.00 8.72
N LYS A 197 6.94 -22.70 9.80
CA LYS A 197 5.99 -23.63 10.40
C LYS A 197 5.25 -22.86 11.47
N PRO A 198 4.13 -23.39 11.97
CA PRO A 198 3.39 -22.68 13.01
C PRO A 198 4.32 -22.44 14.21
N PRO A 199 4.21 -21.27 14.85
CA PRO A 199 5.06 -20.95 16.01
C PRO A 199 4.98 -21.94 17.18
N GLU A 200 6.13 -22.15 17.81
CA GLU A 200 6.23 -23.06 18.94
C GLU A 200 5.79 -22.39 20.24
N ASP A 201 5.11 -23.16 21.08
CA ASP A 201 4.62 -22.66 22.36
C ASP A 201 5.73 -22.20 23.28
N SER A 202 6.92 -22.80 23.13
CA SER A 202 8.05 -22.41 23.96
C SER A 202 8.38 -20.95 23.70
N HIS A 203 8.50 -20.60 22.43
CA HIS A 203 8.81 -19.23 22.03
C HIS A 203 7.73 -18.25 22.49
N LEU A 204 6.46 -18.58 22.22
CA LEU A 204 5.35 -17.72 22.58
C LEU A 204 5.24 -17.46 24.08
N GLU A 205 5.47 -18.49 24.89
CA GLU A 205 5.36 -18.32 26.33
C GLU A 205 6.51 -17.49 26.87
N GLN A 206 7.66 -17.55 26.21
CA GLN A 206 8.80 -16.76 26.66
C GLN A 206 8.43 -15.30 26.49
N ILE A 207 7.73 -15.01 25.40
CA ILE A 207 7.29 -13.65 25.09
C ILE A 207 6.31 -13.17 26.15
N VAL A 208 5.26 -13.95 26.40
CA VAL A 208 4.27 -13.59 27.40
C VAL A 208 5.00 -13.36 28.73
N ARG A 209 6.09 -14.10 28.94
CA ARG A 209 6.87 -13.96 30.15
C ARG A 209 7.57 -12.59 30.17
N LEU A 210 8.18 -12.21 29.05
CA LEU A 210 8.87 -10.93 28.95
C LEU A 210 7.92 -9.77 29.20
N ILE A 211 6.66 -9.96 28.79
CA ILE A 211 5.64 -8.96 28.97
C ILE A 211 5.35 -8.71 30.44
N SER A 212 5.14 -9.79 31.18
CA SER A 212 4.86 -9.71 32.61
C SER A 212 6.04 -9.11 33.38
N GLU A 213 7.23 -9.26 32.83
CA GLU A 213 8.44 -8.74 33.48
C GLU A 213 8.74 -7.29 33.11
N SER A 214 8.07 -6.79 32.08
CA SER A 214 8.29 -5.41 31.63
C SER A 214 7.37 -4.41 32.32
N LYS A 215 7.82 -3.16 32.36
CA LYS A 215 7.05 -2.09 32.98
C LYS A 215 6.65 -1.03 31.93
N LYS A 216 7.42 -0.97 30.84
CA LYS A 216 7.15 -0.01 29.76
C LYS A 216 7.11 -0.67 28.38
N PRO A 217 6.13 -1.56 28.14
CA PRO A 217 5.99 -2.26 26.86
C PRO A 217 5.34 -1.39 25.77
N VAL A 218 5.74 -1.62 24.53
CA VAL A 218 5.18 -0.88 23.40
C VAL A 218 5.05 -1.78 22.17
N LEU A 219 3.86 -1.81 21.59
CA LEU A 219 3.63 -2.59 20.38
C LEU A 219 4.03 -1.73 19.17
N TYR A 220 4.84 -2.31 18.29
CA TYR A 220 5.33 -1.64 17.08
C TYR A 220 4.81 -2.51 15.94
N VAL A 221 3.59 -2.18 15.51
CA VAL A 221 2.87 -2.91 14.47
C VAL A 221 3.02 -2.35 13.05
N GLY A 222 3.14 -3.26 12.07
CA GLY A 222 3.32 -2.82 10.70
C GLY A 222 2.44 -3.49 9.65
N GLY A 223 2.87 -3.41 8.39
CA GLY A 223 2.10 -4.00 7.32
C GLY A 223 1.88 -5.50 7.44
N GLY A 224 2.67 -6.15 8.28
CA GLY A 224 2.52 -7.58 8.46
C GLY A 224 1.28 -8.00 9.23
N CYS A 225 0.66 -7.05 9.94
CA CYS A 225 -0.53 -7.33 10.72
C CYS A 225 -1.85 -7.11 9.98
N LEU A 226 -1.77 -6.73 8.71
CA LEU A 226 -2.97 -6.47 7.93
C LEU A 226 -4.05 -7.56 7.97
N ASN A 227 -3.69 -8.78 8.32
CA ASN A 227 -4.67 -9.87 8.39
C ASN A 227 -4.81 -10.40 9.80
N SER A 228 -4.40 -9.60 10.78
CA SER A 228 -4.47 -10.01 12.17
C SER A 228 -5.19 -8.98 13.02
N SER A 229 -6.10 -8.26 12.39
CA SER A 229 -6.88 -7.21 13.05
C SER A 229 -7.51 -7.74 14.34
N ASP A 230 -8.27 -8.82 14.23
CA ASP A 230 -8.92 -9.40 15.39
C ASP A 230 -7.92 -9.92 16.42
N GLU A 231 -6.95 -10.70 15.97
CA GLU A 231 -5.94 -11.27 16.86
C GLU A 231 -5.23 -10.17 17.63
N LEU A 232 -4.80 -9.13 16.93
CA LEU A 232 -4.10 -8.01 17.57
C LEU A 232 -5.02 -7.31 18.55
N GLY A 233 -6.28 -7.13 18.17
CA GLY A 233 -7.24 -6.49 19.04
C GLY A 233 -7.35 -7.21 20.36
N ARG A 234 -7.55 -8.52 20.28
CA ARG A 234 -7.67 -9.36 21.48
C ARG A 234 -6.38 -9.30 22.30
N PHE A 235 -5.24 -9.34 21.62
CA PHE A 235 -3.95 -9.29 22.29
C PHE A 235 -3.83 -8.02 23.14
N VAL A 236 -4.32 -6.91 22.60
CA VAL A 236 -4.24 -5.64 23.31
C VAL A 236 -5.20 -5.57 24.49
N GLU A 237 -6.37 -6.18 24.37
CA GLU A 237 -7.30 -6.14 25.48
C GLU A 237 -6.92 -7.14 26.56
N LEU A 238 -5.88 -7.93 26.32
CA LEU A 238 -5.41 -8.90 27.30
C LEU A 238 -4.10 -8.44 27.91
N THR A 239 -3.45 -7.47 27.28
CA THR A 239 -2.16 -6.96 27.78
C THR A 239 -2.20 -5.49 28.15
N GLY A 240 -3.08 -4.73 27.51
CA GLY A 240 -3.18 -3.32 27.78
C GLY A 240 -1.91 -2.58 27.35
N ILE A 241 -1.24 -3.10 26.32
CA ILE A 241 -0.02 -2.50 25.82
C ILE A 241 -0.32 -1.45 24.75
N PRO A 242 0.24 -0.24 24.88
CA PRO A 242 0.01 0.83 23.90
C PRO A 242 0.50 0.42 22.51
N VAL A 243 -0.25 0.80 21.49
CA VAL A 243 0.06 0.45 20.10
C VAL A 243 0.56 1.58 19.19
N ALA A 244 1.77 1.42 18.68
CA ALA A 244 2.37 2.39 17.74
C ALA A 244 2.33 1.70 16.38
N SER A 245 1.94 2.42 15.34
CA SER A 245 1.84 1.81 14.00
C SER A 245 2.72 2.47 12.95
N THR A 246 3.10 1.71 11.93
CA THR A 246 3.91 2.27 10.85
C THR A 246 2.93 2.77 9.80
N LEU A 247 3.45 3.43 8.77
CA LEU A 247 2.60 3.94 7.71
C LEU A 247 1.88 2.79 7.01
N MET A 248 2.52 1.63 6.93
CA MET A 248 1.93 0.48 6.26
C MET A 248 0.96 -0.28 7.16
N GLY A 249 1.10 -0.11 8.47
CA GLY A 249 0.22 -0.81 9.39
C GLY A 249 -1.04 -0.07 9.82
N LEU A 250 -1.20 1.17 9.41
CA LEU A 250 -2.38 1.95 9.80
C LEU A 250 -3.68 1.17 9.66
N GLY A 251 -4.49 1.19 10.71
CA GLY A 251 -5.76 0.48 10.66
C GLY A 251 -5.74 -0.90 11.27
N SER A 252 -4.55 -1.46 11.48
CA SER A 252 -4.45 -2.79 12.07
C SER A 252 -5.13 -2.70 13.42
N TYR A 253 -4.89 -1.60 14.10
CA TYR A 253 -5.49 -1.32 15.40
C TYR A 253 -6.16 0.05 15.25
N PRO A 254 -7.46 0.12 15.52
CA PRO A 254 -8.21 1.39 15.40
C PRO A 254 -7.50 2.64 15.95
N CSD A 255 -7.25 3.61 15.06
CA CSD A 255 -6.57 4.85 15.45
CB CSD A 255 -6.32 5.76 14.22
SG CSD A 255 -5.10 5.05 13.05
C CSD A 255 -7.40 5.63 16.47
O CSD A 255 -6.87 6.47 17.19
OD1 CSD A 255 -5.53 4.05 12.15
OD2 CSD A 255 -3.74 5.53 13.07
N ASP A 256 -8.69 5.34 16.50
CA ASP A 256 -9.60 5.99 17.44
C ASP A 256 -9.78 5.09 18.66
N ASP A 257 -8.74 5.05 19.48
CA ASP A 257 -8.75 4.25 20.69
C ASP A 257 -7.73 4.84 21.66
N GLU A 258 -8.06 4.82 22.94
CA GLU A 258 -7.18 5.38 23.96
C GLU A 258 -5.83 4.69 24.06
N LEU A 259 -5.77 3.42 23.70
CA LEU A 259 -4.52 2.66 23.76
C LEU A 259 -3.64 2.94 22.55
N SER A 260 -4.23 3.58 21.54
CA SER A 260 -3.53 3.90 20.31
C SER A 260 -2.54 5.08 20.43
N LEU A 261 -1.32 4.87 19.97
CA LEU A 261 -0.28 5.89 19.99
C LEU A 261 -0.16 6.46 18.58
N HIS A 262 -0.96 5.92 17.67
CA HIS A 262 -0.94 6.34 16.28
C HIS A 262 0.39 5.99 15.60
N MET A 263 0.72 6.68 14.52
CA MET A 263 1.94 6.38 13.77
C MET A 263 3.23 6.87 14.40
N LEU A 264 4.30 6.09 14.22
CA LEU A 264 5.61 6.47 14.73
C LEU A 264 6.50 6.74 13.54
N GLY A 265 7.73 7.20 13.80
CA GLY A 265 8.65 7.46 12.72
C GLY A 265 8.91 8.93 12.44
N MET A 266 9.55 9.17 11.30
CA MET A 266 9.93 10.51 10.85
C MET A 266 8.83 11.54 11.07
N HIS A 267 7.61 11.20 10.70
CA HIS A 267 6.48 12.10 10.87
C HIS A 267 5.45 11.50 11.80
N GLY A 268 5.91 10.71 12.76
CA GLY A 268 5.01 10.10 13.71
C GLY A 268 4.70 11.05 14.86
N THR A 269 3.71 10.70 15.66
CA THR A 269 3.33 11.53 16.80
C THR A 269 4.48 11.53 17.80
N VAL A 270 4.62 12.63 18.52
CA VAL A 270 5.67 12.77 19.52
C VAL A 270 5.53 11.67 20.58
N TYR A 271 4.30 11.35 20.98
CA TYR A 271 4.11 10.32 22.00
C TYR A 271 4.44 8.91 21.52
N ALA A 272 4.17 8.61 20.26
CA ALA A 272 4.48 7.27 19.74
C ALA A 272 5.98 7.10 19.75
N ASN A 273 6.71 8.06 19.21
CA ASN A 273 8.16 7.99 19.18
C ASN A 273 8.73 8.01 20.59
N TYR A 274 8.03 8.70 21.48
CA TYR A 274 8.44 8.79 22.87
C TYR A 274 8.37 7.39 23.46
N ALA A 275 7.19 6.79 23.37
CA ALA A 275 6.95 5.45 23.89
C ALA A 275 8.07 4.51 23.48
N VAL A 276 8.36 4.46 22.19
CA VAL A 276 9.41 3.57 21.70
C VAL A 276 10.77 3.97 22.27
N GLU A 277 11.04 5.26 22.32
CA GLU A 277 12.30 5.77 22.85
C GLU A 277 12.56 5.34 24.30
N HIS A 278 11.50 5.28 25.10
CA HIS A 278 11.65 4.93 26.50
C HIS A 278 11.07 3.57 26.89
N SER A 279 10.77 2.73 25.91
CA SER A 279 10.21 1.42 26.20
C SER A 279 11.28 0.47 26.69
N ASP A 280 10.87 -0.53 27.46
CA ASP A 280 11.80 -1.54 27.96
C ASP A 280 11.51 -2.86 27.25
N LEU A 281 10.41 -2.89 26.50
CA LEU A 281 10.01 -4.07 25.74
C LEU A 281 9.32 -3.65 24.45
N LEU A 282 10.00 -3.85 23.32
CA LEU A 282 9.45 -3.48 22.03
C LEU A 282 8.95 -4.71 21.29
N LEU A 283 7.65 -4.79 21.07
CA LEU A 283 7.05 -5.91 20.36
C LEU A 283 6.85 -5.54 18.88
N ALA A 284 7.86 -5.80 18.06
CA ALA A 284 7.81 -5.49 16.64
C ALA A 284 7.10 -6.58 15.85
N PHE A 285 5.81 -6.38 15.58
CA PHE A 285 5.03 -7.37 14.84
C PHE A 285 4.70 -6.96 13.41
N GLY A 286 5.27 -7.69 12.45
CA GLY A 286 5.01 -7.40 11.05
C GLY A 286 5.61 -6.11 10.55
N VAL A 287 6.80 -5.77 11.05
CA VAL A 287 7.49 -4.55 10.65
C VAL A 287 8.89 -4.88 10.12
N ARG A 288 9.54 -3.91 9.49
CA ARG A 288 10.88 -4.14 8.95
C ARG A 288 11.93 -3.12 9.35
N PHE A 289 11.75 -2.51 10.53
CA PHE A 289 12.70 -1.53 11.03
C PHE A 289 13.26 -0.62 9.94
N ASP A 290 12.38 0.06 9.23
CA ASP A 290 12.77 0.95 8.15
C ASP A 290 13.45 2.21 8.66
N ASP A 291 14.34 2.79 7.85
CA ASP A 291 15.06 3.98 8.27
C ASP A 291 14.11 5.14 8.55
N ARG A 292 12.94 5.11 7.91
CA ARG A 292 11.92 6.14 8.12
C ARG A 292 11.33 6.10 9.52
N VAL A 293 11.35 4.91 10.12
CA VAL A 293 10.81 4.72 11.45
C VAL A 293 11.87 4.77 12.54
N THR A 294 13.03 4.20 12.25
CA THR A 294 14.12 4.14 13.22
C THR A 294 15.00 5.37 13.33
N GLY A 295 15.33 5.97 12.21
CA GLY A 295 16.22 7.11 12.25
C GLY A 295 17.57 6.48 12.50
N LYS A 296 18.24 6.90 13.57
CA LYS A 296 19.54 6.32 13.88
C LYS A 296 19.30 5.02 14.65
N LEU A 297 19.60 3.90 14.00
CA LEU A 297 19.41 2.57 14.58
C LEU A 297 19.91 2.41 16.01
N GLU A 298 21.11 2.89 16.29
CA GLU A 298 21.67 2.77 17.63
C GLU A 298 20.82 3.45 18.69
N ALA A 299 20.11 4.51 18.31
CA ALA A 299 19.26 5.24 19.24
C ALA A 299 17.83 4.71 19.32
N PHE A 300 17.43 3.94 18.32
CA PHE A 300 16.09 3.38 18.26
C PHE A 300 15.85 2.30 19.31
N ALA A 301 14.86 2.50 20.17
CA ALA A 301 14.53 1.54 21.22
C ALA A 301 15.78 0.99 21.90
N SER A 302 16.73 1.89 22.14
CA SER A 302 18.01 1.55 22.76
C SER A 302 17.93 1.03 24.19
N ARG A 303 16.83 1.30 24.87
CA ARG A 303 16.71 0.86 26.25
C ARG A 303 15.69 -0.26 26.43
N ALA A 304 15.58 -1.20 25.43
CA ALA A 304 14.56 -2.21 25.64
C ALA A 304 14.87 -3.49 24.88
N LYS A 305 14.16 -4.56 25.40
CA LYS A 305 14.22 -5.91 24.85
C LYS A 305 13.33 -5.94 23.62
N ILE A 306 13.92 -6.27 22.48
CA ILE A 306 13.20 -6.31 21.22
C ILE A 306 12.76 -7.73 20.81
N VAL A 307 11.45 -7.89 20.65
CA VAL A 307 10.86 -9.15 20.21
C VAL A 307 10.39 -8.88 18.79
N HIS A 308 10.91 -9.62 17.83
CA HIS A 308 10.55 -9.40 16.43
C HIS A 308 9.92 -10.65 15.81
N ILE A 309 8.67 -10.53 15.36
CA ILE A 309 7.97 -11.63 14.71
C ILE A 309 7.77 -11.29 13.23
N ASP A 310 8.42 -12.03 12.34
CA ASP A 310 8.31 -11.78 10.90
C ASP A 310 8.23 -13.08 10.09
N ILE A 311 7.50 -13.01 8.99
CA ILE A 311 7.31 -14.17 8.11
C ILE A 311 8.53 -14.36 7.21
N ASP A 312 9.42 -13.38 7.21
CA ASP A 312 10.61 -13.43 6.38
C ASP A 312 11.86 -13.46 7.25
N SER A 313 12.55 -14.59 7.27
CA SER A 313 13.75 -14.70 8.09
C SER A 313 14.79 -13.66 7.72
N ALA A 314 14.85 -13.30 6.44
CA ALA A 314 15.81 -12.31 5.96
C ALA A 314 15.65 -10.95 6.64
N GLU A 315 14.48 -10.71 7.21
CA GLU A 315 14.20 -9.44 7.89
C GLU A 315 14.60 -9.46 9.36
N ILE A 316 14.59 -10.63 9.98
CA ILE A 316 14.92 -10.73 11.39
C ILE A 316 16.41 -10.52 11.65
N GLY A 317 16.74 -9.35 12.17
CA GLY A 317 18.11 -9.00 12.47
C GLY A 317 18.77 -8.28 11.30
N LYS A 318 17.98 -7.78 10.37
CA LYS A 318 18.55 -7.07 9.23
C LYS A 318 19.12 -5.71 9.62
N ASN A 319 18.31 -4.88 10.28
CA ASN A 319 18.74 -3.55 10.72
C ASN A 319 18.88 -3.48 12.23
N LYS A 320 17.98 -4.14 12.94
CA LYS A 320 18.01 -4.17 14.40
C LYS A 320 18.14 -5.61 14.84
N THR A 321 19.04 -5.86 15.79
CA THR A 321 19.25 -7.22 16.27
C THR A 321 18.32 -7.43 17.46
N PRO A 322 17.37 -8.37 17.33
CA PRO A 322 16.39 -8.70 18.38
C PRO A 322 16.96 -9.51 19.52
N HIS A 323 16.27 -9.47 20.65
CA HIS A 323 16.69 -10.24 21.82
C HIS A 323 15.97 -11.57 21.68
N VAL A 324 14.75 -11.49 21.16
CA VAL A 324 13.89 -12.65 20.94
C VAL A 324 13.26 -12.53 19.57
N SER A 325 13.22 -13.63 18.82
CA SER A 325 12.62 -13.59 17.50
C SER A 325 11.74 -14.79 17.26
N VAL A 326 10.86 -14.66 16.27
CA VAL A 326 9.95 -15.71 15.90
C VAL A 326 9.71 -15.55 14.42
N CYS A 327 10.17 -16.52 13.63
CA CYS A 327 9.99 -16.46 12.19
C CYS A 327 8.70 -17.20 11.85
N GLY A 328 7.62 -16.45 11.66
CA GLY A 328 6.36 -17.07 11.32
C GLY A 328 5.25 -16.06 11.11
N ASP A 329 4.03 -16.57 10.90
CA ASP A 329 2.85 -15.73 10.70
C ASP A 329 2.45 -15.09 12.03
N VAL A 330 2.53 -13.76 12.09
CA VAL A 330 2.17 -13.03 13.29
C VAL A 330 0.74 -13.34 13.75
N LYS A 331 -0.13 -13.64 12.80
CA LYS A 331 -1.52 -13.98 13.10
C LYS A 331 -1.56 -15.21 14.01
N LEU A 332 -0.76 -16.22 13.67
CA LEU A 332 -0.70 -17.45 14.46
C LEU A 332 -0.01 -17.19 15.79
N ALA A 333 1.06 -16.39 15.78
CA ALA A 333 1.76 -16.08 17.02
C ALA A 333 0.80 -15.40 17.98
N LEU A 334 0.00 -14.48 17.47
CA LEU A 334 -0.98 -13.76 18.30
C LEU A 334 -2.04 -14.69 18.87
N GLN A 335 -2.57 -15.60 18.04
CA GLN A 335 -3.58 -16.54 18.51
C GLN A 335 -2.96 -17.39 19.62
N GLY A 336 -1.70 -17.74 19.42
CA GLY A 336 -1.01 -18.54 20.41
C GLY A 336 -0.86 -17.82 21.72
N MET A 337 -0.29 -16.61 21.66
CA MET A 337 -0.09 -15.82 22.86
C MET A 337 -1.41 -15.46 23.52
N ASN A 338 -2.45 -15.25 22.72
CA ASN A 338 -3.74 -14.90 23.28
C ASN A 338 -4.24 -16.00 24.22
N LYS A 339 -4.12 -17.25 23.80
CA LYS A 339 -4.54 -18.37 24.66
C LYS A 339 -3.76 -18.33 25.96
N VAL A 340 -2.43 -18.33 25.86
CA VAL A 340 -1.59 -18.29 27.05
C VAL A 340 -2.05 -17.14 27.95
N LEU A 341 -2.27 -15.97 27.36
CA LEU A 341 -2.70 -14.81 28.13
C LEU A 341 -4.06 -14.99 28.78
N GLU A 342 -4.97 -15.68 28.12
CA GLU A 342 -6.31 -15.90 28.67
C GLU A 342 -6.26 -16.85 29.86
N ASN A 343 -5.47 -17.91 29.75
CA ASN A 343 -5.37 -18.89 30.83
C ASN A 343 -4.59 -18.35 32.02
N ARG A 344 -3.29 -18.18 31.85
CA ARG A 344 -2.44 -17.66 32.91
C ARG A 344 -2.75 -16.20 33.23
N ALA A 345 -3.97 -15.77 32.93
CA ALA A 345 -4.39 -14.40 33.16
C ALA A 345 -4.29 -13.98 34.63
N GLU A 346 -5.07 -14.64 35.48
CA GLU A 346 -5.11 -14.35 36.91
C GLU A 346 -3.73 -14.34 37.55
N GLU A 347 -2.88 -15.31 37.19
CA GLU A 347 -1.55 -15.39 37.75
C GLU A 347 -0.58 -14.38 37.16
N LEU A 348 -0.99 -13.73 36.07
CA LEU A 348 -0.14 -12.73 35.43
C LEU A 348 -0.41 -11.35 35.99
N LYS A 349 -1.70 -11.00 36.09
CA LYS A 349 -2.11 -9.71 36.60
C LYS A 349 -1.32 -8.60 35.90
N LEU A 350 -1.51 -8.49 34.59
CA LEU A 350 -0.82 -7.48 33.80
C LEU A 350 -1.48 -6.13 34.00
N ASP A 351 -0.68 -5.12 34.29
CA ASP A 351 -1.19 -3.78 34.49
C ASP A 351 -0.12 -2.76 34.18
N PHE A 352 -0.27 -2.07 33.05
CA PHE A 352 0.70 -1.06 32.64
C PHE A 352 0.10 0.35 32.73
N GLY A 353 -0.87 0.51 33.63
CA GLY A 353 -1.51 1.80 33.81
C GLY A 353 -0.54 2.94 34.04
N VAL A 354 0.52 2.69 34.81
CA VAL A 354 1.50 3.72 35.09
C VAL A 354 2.18 4.17 33.80
N TRP A 355 2.55 3.22 32.96
CA TRP A 355 3.20 3.52 31.68
C TRP A 355 2.22 4.26 30.78
N ARG A 356 1.01 3.72 30.65
CA ARG A 356 0.00 4.34 29.82
C ARG A 356 -0.23 5.80 30.21
N ASN A 357 -0.19 6.10 31.49
CA ASN A 357 -0.39 7.47 31.96
C ASN A 357 0.82 8.33 31.63
N GLU A 358 2.01 7.75 31.72
CA GLU A 358 3.22 8.51 31.41
C GLU A 358 3.12 8.93 29.96
N LEU A 359 2.51 8.07 29.14
CA LEU A 359 2.35 8.34 27.73
C LEU A 359 1.18 9.29 27.49
N ASN A 360 0.08 9.09 28.20
CA ASN A 360 -1.09 9.95 28.02
C ASN A 360 -0.80 11.42 28.36
N VAL A 361 0.22 11.67 29.17
CA VAL A 361 0.56 13.05 29.48
C VAL A 361 1.30 13.61 28.28
N GLN A 362 2.06 12.74 27.61
CA GLN A 362 2.81 13.15 26.42
C GLN A 362 1.79 13.37 25.31
N LYS A 363 0.81 12.48 25.25
CA LYS A 363 -0.23 12.58 24.23
C LYS A 363 -1.00 13.88 24.40
N GLN A 364 -0.93 14.45 25.61
CA GLN A 364 -1.66 15.67 25.90
C GLN A 364 -0.79 16.90 25.73
N LYS A 365 0.49 16.79 26.04
CA LYS A 365 1.41 17.91 25.91
C LYS A 365 1.89 18.08 24.47
N PHE A 366 1.95 16.98 23.72
CA PHE A 366 2.42 17.03 22.34
C PHE A 366 1.50 16.33 21.34
N PRO A 367 0.25 16.80 21.21
CA PRO A 367 -0.67 16.17 20.27
C PRO A 367 -0.50 16.67 18.83
N LEU A 368 -1.14 15.98 17.88
CA LEU A 368 -1.06 16.41 16.50
C LEU A 368 -1.81 17.73 16.43
N SER A 369 -1.21 18.72 15.79
CA SER A 369 -1.84 20.03 15.72
C SER A 369 -1.63 20.74 14.39
N PHE A 370 -2.51 21.67 14.09
CA PHE A 370 -2.42 22.44 12.86
C PHE A 370 -2.94 23.85 13.10
N LYS A 371 -2.43 24.79 12.33
CA LYS A 371 -2.84 26.18 12.46
C LYS A 371 -3.80 26.61 11.36
N THR A 372 -4.80 27.41 11.72
CA THR A 372 -5.78 27.91 10.75
C THR A 372 -5.52 29.41 10.51
N PHE A 373 -5.29 29.78 9.25
CA PHE A 373 -5.02 31.18 8.91
C PHE A 373 -6.15 31.87 8.15
N GLY A 374 -6.82 32.80 8.82
CA GLY A 374 -7.91 33.51 8.18
C GLY A 374 -8.95 32.51 7.69
N GLU A 375 -9.24 32.56 6.40
CA GLU A 375 -10.21 31.63 5.83
C GLU A 375 -9.54 30.59 4.94
N ALA A 376 -8.21 30.58 4.94
CA ALA A 376 -7.45 29.61 4.16
C ALA A 376 -7.80 28.21 4.64
N ILE A 377 -7.85 27.26 3.71
CA ILE A 377 -8.18 25.89 4.06
C ILE A 377 -6.99 25.09 4.56
N PRO A 378 -7.05 24.59 5.81
CA PRO A 378 -5.93 23.80 6.32
C PRO A 378 -6.11 22.37 5.80
N PRO A 379 -5.13 21.85 5.03
CA PRO A 379 -5.30 20.48 4.53
C PRO A 379 -5.66 19.48 5.63
N GLN A 380 -5.00 19.63 6.78
CA GLN A 380 -5.27 18.74 7.90
C GLN A 380 -6.77 18.75 8.23
N TYR A 381 -7.35 19.96 8.26
CA TYR A 381 -8.77 20.13 8.57
C TYR A 381 -9.66 19.45 7.52
N ALA A 382 -9.29 19.59 6.26
CA ALA A 382 -10.08 19.01 5.18
C ALA A 382 -10.16 17.50 5.37
N ILE A 383 -9.02 16.88 5.62
CA ILE A 383 -8.97 15.44 5.82
C ILE A 383 -9.79 15.10 7.06
N LYS A 384 -9.68 15.93 8.08
CA LYS A 384 -10.42 15.71 9.32
C LYS A 384 -11.92 15.73 9.04
N VAL A 385 -12.34 16.62 8.15
CA VAL A 385 -13.75 16.73 7.79
C VAL A 385 -14.21 15.51 7.00
N LEU A 386 -13.39 15.07 6.05
CA LEU A 386 -13.71 13.90 5.24
C LEU A 386 -13.93 12.72 6.16
N ASP A 387 -13.09 12.62 7.20
CA ASP A 387 -13.22 11.54 8.16
C ASP A 387 -14.61 11.58 8.78
N GLU A 388 -14.94 12.73 9.36
CA GLU A 388 -16.24 12.91 9.99
C GLU A 388 -17.40 12.59 9.06
N LEU A 389 -17.42 13.20 7.88
CA LEU A 389 -18.51 12.99 6.93
C LEU A 389 -18.60 11.58 6.36
N THR A 390 -17.51 10.83 6.42
CA THR A 390 -17.53 9.46 5.90
C THR A 390 -17.58 8.49 7.06
N ASP A 391 -17.52 9.06 8.27
CA ASP A 391 -17.56 8.28 9.49
C ASP A 391 -16.41 7.26 9.51
N GLY A 392 -15.26 7.69 8.98
CA GLY A 392 -14.07 6.85 8.94
C GLY A 392 -14.24 5.48 8.31
N LYS A 393 -15.19 5.34 7.41
CA LYS A 393 -15.44 4.06 6.78
C LYS A 393 -15.02 4.03 5.31
N ALA A 394 -14.32 5.08 4.88
CA ALA A 394 -13.88 5.18 3.48
C ALA A 394 -12.55 4.50 3.21
N ILE A 395 -12.40 3.98 1.99
CA ILE A 395 -11.15 3.40 1.58
C ILE A 395 -10.40 4.61 1.05
N ILE A 396 -9.21 4.86 1.60
CA ILE A 396 -8.41 6.01 1.21
C ILE A 396 -7.12 5.61 0.51
N SER A 397 -6.93 6.14 -0.70
CA SER A 397 -5.68 5.90 -1.42
C SER A 397 -5.08 7.29 -1.52
N THR A 398 -3.76 7.37 -1.66
CA THR A 398 -3.13 8.68 -1.74
C THR A 398 -1.96 8.74 -2.71
N GLY A 399 -1.39 9.93 -2.83
CA GLY A 399 -0.22 10.11 -3.66
C GLY A 399 0.92 10.09 -2.66
N VAL A 400 2.03 10.73 -2.99
CA VAL A 400 3.17 10.76 -2.08
C VAL A 400 3.52 12.20 -1.75
N GLY A 401 3.93 12.43 -0.51
CA GLY A 401 4.29 13.78 -0.10
C GLY A 401 3.60 14.21 1.17
N GLN A 402 3.40 15.52 1.31
CA GLN A 402 2.75 16.07 2.49
C GLN A 402 1.31 15.61 2.64
N HIS A 403 0.54 15.68 1.56
CA HIS A 403 -0.86 15.27 1.63
C HIS A 403 -0.96 13.83 2.14
N GLN A 404 0.00 13.01 1.72
CA GLN A 404 0.04 11.62 2.12
C GLN A 404 0.22 11.54 3.63
N MET A 405 1.17 12.30 4.16
CA MET A 405 1.41 12.29 5.60
C MET A 405 0.15 12.75 6.34
N TRP A 406 -0.49 13.80 5.86
CA TRP A 406 -1.69 14.28 6.52
C TRP A 406 -2.82 13.26 6.44
N ALA A 407 -2.98 12.62 5.28
CA ALA A 407 -4.02 11.62 5.13
C ALA A 407 -3.76 10.52 6.17
N ALA A 408 -2.49 10.29 6.48
CA ALA A 408 -2.13 9.27 7.45
C ALA A 408 -2.37 9.76 8.87
N GLN A 409 -2.04 11.03 9.12
CA GLN A 409 -2.19 11.62 10.44
C GLN A 409 -3.61 12.00 10.87
N PHE A 410 -4.42 12.53 9.95
CA PHE A 410 -5.74 12.98 10.34
C PHE A 410 -6.98 12.22 9.94
N TYR A 411 -6.82 10.95 9.61
CA TYR A 411 -7.96 10.13 9.27
C TYR A 411 -7.78 8.90 10.14
N ASN A 412 -8.84 8.50 10.83
CA ASN A 412 -8.76 7.34 11.69
C ASN A 412 -9.32 6.10 11.02
N TYR A 413 -8.41 5.25 10.57
CA TYR A 413 -8.77 4.02 9.89
C TYR A 413 -9.26 2.99 10.90
N LYS A 414 -10.45 2.48 10.66
CA LYS A 414 -11.05 1.50 11.56
C LYS A 414 -10.48 0.12 11.29
N LYS A 415 -10.29 -0.21 10.02
CA LYS A 415 -9.79 -1.53 9.65
C LYS A 415 -8.66 -1.50 8.61
N PRO A 416 -7.90 -2.60 8.50
CA PRO A 416 -6.81 -2.65 7.53
C PRO A 416 -7.41 -2.81 6.12
N ARG A 417 -6.63 -2.47 5.10
CA ARG A 417 -7.07 -2.53 3.71
C ARG A 417 -8.03 -1.39 3.43
N GLN A 418 -7.88 -0.33 4.22
CA GLN A 418 -8.69 0.87 4.09
C GLN A 418 -7.70 1.96 3.70
N TRP A 419 -6.43 1.73 4.04
CA TRP A 419 -5.33 2.63 3.78
C TRP A 419 -4.51 2.09 2.60
N LEU A 420 -4.57 2.77 1.46
CA LEU A 420 -3.82 2.34 0.28
C LEU A 420 -2.81 3.42 -0.07
N SER A 421 -1.57 3.23 0.34
CA SER A 421 -0.55 4.21 0.09
C SER A 421 0.82 3.58 -0.20
N SER A 422 1.58 4.19 -1.12
CA SER A 422 2.90 3.72 -1.49
C SER A 422 3.91 4.14 -0.42
N GLY A 423 4.31 3.21 0.43
CA GLY A 423 5.24 3.53 1.51
C GLY A 423 6.73 3.31 1.28
N GLY A 424 7.10 2.15 0.76
CA GLY A 424 8.51 1.87 0.52
C GLY A 424 9.16 2.60 -0.64
N LEU A 425 8.56 2.49 -1.81
CA LEU A 425 9.08 3.16 -2.99
C LEU A 425 8.59 4.62 -2.97
N GLY A 426 7.38 4.82 -2.45
CA GLY A 426 6.81 6.15 -2.39
C GLY A 426 6.63 6.73 -3.78
N ALA A 427 5.94 6.00 -4.63
CA ALA A 427 5.72 6.41 -6.01
C ALA A 427 4.58 7.38 -6.22
N MET A 428 4.88 8.53 -6.80
CA MET A 428 3.86 9.54 -7.09
C MET A 428 2.94 9.03 -8.22
N GLY A 429 1.70 9.52 -8.23
CA GLY A 429 0.76 9.12 -9.26
C GLY A 429 0.10 7.80 -8.97
N PHE A 430 0.31 7.30 -7.76
CA PHE A 430 -0.24 6.02 -7.32
C PHE A 430 -1.72 6.13 -6.90
N GLY A 431 -2.04 7.23 -6.23
CA GLY A 431 -3.37 7.49 -5.71
C GLY A 431 -4.59 7.30 -6.59
N LEU A 432 -4.62 7.93 -7.76
CA LEU A 432 -5.80 7.78 -8.62
C LEU A 432 -5.98 6.35 -9.13
N PRO A 433 -4.93 5.75 -9.73
CA PRO A 433 -5.08 4.39 -10.23
C PRO A 433 -5.43 3.41 -9.10
N ALA A 434 -4.77 3.57 -7.96
CA ALA A 434 -5.01 2.69 -6.82
C ALA A 434 -6.49 2.74 -6.42
N ALA A 435 -7.05 3.95 -6.44
CA ALA A 435 -8.45 4.13 -6.08
C ALA A 435 -9.32 3.34 -7.05
N ILE A 436 -8.94 3.37 -8.33
CA ILE A 436 -9.66 2.66 -9.35
C ILE A 436 -9.73 1.16 -9.03
N GLY A 437 -8.59 0.60 -8.64
CA GLY A 437 -8.56 -0.82 -8.31
C GLY A 437 -9.38 -1.10 -7.06
N ALA A 438 -9.24 -0.24 -6.06
CA ALA A 438 -9.97 -0.40 -4.81
C ALA A 438 -11.49 -0.35 -5.05
N SER A 439 -11.92 0.54 -5.94
CA SER A 439 -13.34 0.66 -6.23
C SER A 439 -13.87 -0.60 -6.89
N VAL A 440 -13.14 -1.12 -7.87
CA VAL A 440 -13.57 -2.34 -8.55
C VAL A 440 -13.63 -3.51 -7.56
N ALA A 441 -12.68 -3.55 -6.64
CA ALA A 441 -12.65 -4.62 -5.64
C ALA A 441 -13.71 -4.44 -4.56
N ASN A 442 -14.14 -3.20 -4.35
CA ASN A 442 -15.14 -2.89 -3.33
C ASN A 442 -16.18 -1.92 -3.89
N PRO A 443 -17.03 -2.41 -4.82
CA PRO A 443 -18.09 -1.68 -5.51
C PRO A 443 -19.02 -0.85 -4.63
N ASP A 444 -19.33 -1.34 -3.43
CA ASP A 444 -20.23 -0.62 -2.54
C ASP A 444 -19.53 0.22 -1.51
N ALA A 445 -18.22 0.42 -1.67
CA ALA A 445 -17.47 1.20 -0.71
C ALA A 445 -17.27 2.65 -1.15
N ILE A 446 -17.01 3.50 -0.18
CA ILE A 446 -16.74 4.90 -0.45
C ILE A 446 -15.23 4.92 -0.70
N VAL A 447 -14.83 5.27 -1.91
CA VAL A 447 -13.43 5.31 -2.27
C VAL A 447 -13.01 6.74 -2.53
N VAL A 448 -12.06 7.24 -1.74
CA VAL A 448 -11.58 8.61 -1.87
C VAL A 448 -10.07 8.67 -2.04
N ASP A 449 -9.64 9.30 -3.12
CA ASP A 449 -8.24 9.47 -3.37
C ASP A 449 -7.82 10.86 -2.89
N ILE A 450 -7.08 10.91 -1.78
CA ILE A 450 -6.59 12.17 -1.22
C ILE A 450 -5.25 12.38 -1.94
N ASP A 451 -5.28 13.16 -3.00
CA ASP A 451 -4.11 13.41 -3.83
C ASP A 451 -3.46 14.78 -3.71
N GLY A 452 -2.29 14.91 -4.33
CA GLY A 452 -1.55 16.16 -4.36
C GLY A 452 -1.59 16.60 -5.81
N ASP A 453 -1.44 17.91 -6.07
CA ASP A 453 -1.51 18.38 -7.44
C ASP A 453 -0.39 17.85 -8.32
N GLY A 454 0.75 17.55 -7.72
CA GLY A 454 1.85 17.00 -8.49
C GLY A 454 1.61 15.52 -8.81
N SER A 455 1.26 14.76 -7.78
CA SER A 455 1.00 13.32 -7.92
C SER A 455 -0.21 13.07 -8.79
N PHE A 456 -1.25 13.85 -8.58
CA PHE A 456 -2.49 13.69 -9.33
C PHE A 456 -2.30 13.80 -10.83
N ILE A 457 -1.52 14.79 -11.27
CA ILE A 457 -1.35 15.00 -12.69
C ILE A 457 -0.54 13.93 -13.44
N MET A 458 0.36 13.23 -12.75
CA MET A 458 1.18 12.19 -13.38
C MET A 458 0.39 11.12 -14.10
N ASN A 459 -0.70 10.67 -13.49
CA ASN A 459 -1.55 9.64 -14.10
C ASN A 459 -2.97 10.14 -14.27
N VAL A 460 -3.09 11.43 -14.56
CA VAL A 460 -4.39 12.06 -14.75
C VAL A 460 -5.18 11.36 -15.85
N GLN A 461 -4.50 10.74 -16.79
CA GLN A 461 -5.20 10.08 -17.88
C GLN A 461 -6.14 8.98 -17.37
N GLU A 462 -5.94 8.50 -16.16
CA GLU A 462 -6.81 7.47 -15.65
C GLU A 462 -8.23 7.98 -15.34
N LEU A 463 -8.44 9.29 -15.42
CA LEU A 463 -9.77 9.86 -15.17
C LEU A 463 -10.69 9.28 -16.24
N ALA A 464 -10.14 9.08 -17.43
CA ALA A 464 -10.89 8.51 -18.54
C ALA A 464 -11.41 7.13 -18.12
N THR A 465 -10.52 6.35 -17.52
CA THR A 465 -10.85 5.01 -17.07
C THR A 465 -12.01 5.06 -16.08
N ILE A 466 -11.87 5.92 -15.08
CA ILE A 466 -12.91 6.08 -14.06
C ILE A 466 -14.29 6.34 -14.67
N ARG A 467 -14.36 7.25 -15.64
CA ARG A 467 -15.65 7.56 -16.26
C ARG A 467 -16.20 6.37 -17.02
N VAL A 468 -15.44 5.88 -17.98
CA VAL A 468 -15.86 4.75 -18.79
C VAL A 468 -16.24 3.50 -17.99
N GLU A 469 -15.61 3.31 -16.83
CA GLU A 469 -15.91 2.15 -16.00
C GLU A 469 -16.97 2.50 -14.98
N ASN A 470 -17.42 3.76 -15.02
CA ASN A 470 -18.44 4.24 -14.10
C ASN A 470 -18.17 3.87 -12.64
N LEU A 471 -16.98 4.22 -12.18
CA LEU A 471 -16.55 3.94 -10.82
C LEU A 471 -16.80 5.18 -9.96
N PRO A 472 -17.43 5.01 -8.80
CA PRO A 472 -17.74 6.10 -7.87
C PRO A 472 -16.50 6.63 -7.15
N VAL A 473 -15.43 6.86 -7.88
CA VAL A 473 -14.21 7.35 -7.26
C VAL A 473 -14.27 8.84 -6.94
N LYS A 474 -14.02 9.19 -5.69
CA LYS A 474 -14.01 10.58 -5.27
C LYS A 474 -12.55 11.02 -5.16
N VAL A 475 -12.25 12.23 -5.60
CA VAL A 475 -10.88 12.72 -5.54
C VAL A 475 -10.78 13.98 -4.65
N LEU A 476 -10.21 13.86 -3.48
CA LEU A 476 -10.04 15.00 -2.60
C LEU A 476 -8.64 15.50 -2.90
N LEU A 477 -8.53 16.41 -3.86
CA LEU A 477 -7.26 16.95 -4.29
C LEU A 477 -6.79 18.14 -3.45
N LEU A 478 -5.76 17.94 -2.64
CA LEU A 478 -5.22 19.02 -1.82
C LEU A 478 -4.23 19.75 -2.73
N ASN A 479 -4.70 20.83 -3.33
CA ASN A 479 -3.91 21.62 -4.26
C ASN A 479 -3.08 22.74 -3.61
N ASN A 480 -1.76 22.59 -3.63
CA ASN A 480 -0.90 23.61 -3.04
C ASN A 480 0.10 24.17 -4.06
N GLN A 481 -0.14 23.88 -5.34
CA GLN A 481 0.72 24.37 -6.43
C GLN A 481 2.20 24.01 -6.34
N HIS A 482 2.57 23.17 -5.37
CA HIS A 482 3.98 22.80 -5.23
C HIS A 482 4.21 21.31 -5.01
N LEU A 483 5.49 20.96 -5.01
CA LEU A 483 5.91 19.59 -4.72
C LEU A 483 6.18 19.74 -3.22
N GLY A 484 5.10 19.74 -2.45
CA GLY A 484 5.13 19.90 -1.01
C GLY A 484 6.29 19.41 -0.18
N MET A 485 6.49 18.09 -0.12
CA MET A 485 7.57 17.53 0.69
C MET A 485 8.97 18.03 0.31
N VAL A 486 9.23 18.18 -0.99
CA VAL A 486 10.53 18.67 -1.40
C VAL A 486 10.66 20.13 -0.98
N MET A 487 9.56 20.86 -1.12
CA MET A 487 9.51 22.27 -0.73
C MET A 487 9.81 22.40 0.77
N GLN A 488 9.19 21.54 1.57
CA GLN A 488 9.40 21.57 3.02
C GLN A 488 10.88 21.41 3.34
N TRP A 489 11.54 20.49 2.64
CA TRP A 489 12.95 20.26 2.86
C TRP A 489 13.77 21.45 2.39
N GLU A 490 13.30 22.14 1.37
CA GLU A 490 14.03 23.32 0.88
C GLU A 490 13.99 24.35 1.99
N ASP A 491 12.82 24.52 2.59
CA ASP A 491 12.63 25.49 3.68
C ASP A 491 13.47 25.15 4.90
N ARG A 492 13.52 23.87 5.24
CA ARG A 492 14.26 23.42 6.41
C ARG A 492 15.77 23.30 6.27
N PHE A 493 16.25 22.84 5.12
CA PHE A 493 17.69 22.65 4.96
C PHE A 493 18.37 23.38 3.82
N TYR A 494 17.62 24.16 3.05
CA TYR A 494 18.23 24.88 1.94
C TYR A 494 17.86 26.35 1.87
N LYS A 495 17.60 26.95 3.04
CA LYS A 495 17.26 28.36 3.12
C LYS A 495 16.09 28.71 2.19
N ALA A 496 15.15 27.79 2.06
CA ALA A 496 13.98 28.01 1.21
C ALA A 496 14.30 28.37 -0.24
N ASN A 497 15.45 27.92 -0.72
CA ASN A 497 15.83 28.19 -2.11
C ASN A 497 15.07 27.24 -3.03
N ARG A 498 14.01 27.73 -3.64
CA ARG A 498 13.20 26.93 -4.54
C ARG A 498 14.00 26.44 -5.75
N ALA A 499 13.89 25.15 -6.04
CA ALA A 499 14.58 24.57 -7.18
C ALA A 499 13.65 23.60 -7.91
N HIS A 500 12.85 24.15 -8.82
CA HIS A 500 11.93 23.35 -9.62
C HIS A 500 10.82 22.67 -8.81
N THR A 501 10.46 23.25 -7.68
CA THR A 501 9.39 22.66 -6.87
C THR A 501 8.03 23.33 -7.07
N PHE A 502 7.99 24.41 -7.84
CA PHE A 502 6.74 25.10 -8.11
C PHE A 502 6.06 24.49 -9.34
N LEU A 503 4.80 24.08 -9.17
CA LEU A 503 4.05 23.44 -10.24
C LEU A 503 3.10 24.34 -11.04
N GLY A 504 2.95 25.59 -10.61
CA GLY A 504 2.05 26.49 -11.31
C GLY A 504 2.74 27.22 -12.44
N ASP A 505 2.07 28.20 -13.02
CA ASP A 505 2.65 28.97 -14.12
C ASP A 505 3.26 30.28 -13.63
N PRO A 506 4.59 30.44 -13.77
CA PRO A 506 5.30 31.64 -13.34
C PRO A 506 4.77 32.92 -13.98
N ALA A 507 4.21 32.80 -15.17
CA ALA A 507 3.66 33.96 -15.88
C ALA A 507 2.47 34.53 -15.11
N GLN A 508 1.76 33.65 -14.40
CA GLN A 508 0.59 34.06 -13.62
C GLN A 508 0.73 33.45 -12.23
N GLU A 509 1.83 33.79 -11.54
CA GLU A 509 2.13 33.29 -10.20
C GLU A 509 0.92 33.06 -9.27
N ASP A 510 -0.11 33.90 -9.38
CA ASP A 510 -1.27 33.75 -8.50
C ASP A 510 -2.43 32.91 -9.01
N GLU A 511 -2.41 32.57 -10.29
CA GLU A 511 -3.48 31.75 -10.86
C GLU A 511 -3.22 30.27 -10.59
N ILE A 512 -4.27 29.56 -10.20
CA ILE A 512 -4.15 28.14 -9.93
C ILE A 512 -3.95 27.42 -11.25
N PHE A 513 -2.80 26.77 -11.41
CA PHE A 513 -2.45 26.06 -12.63
C PHE A 513 -1.87 24.68 -12.35
N PRO A 514 -2.32 23.67 -13.09
CA PRO A 514 -3.35 23.82 -14.13
C PRO A 514 -4.72 23.90 -13.47
N ASN A 515 -5.76 23.87 -14.31
CA ASN A 515 -7.12 23.91 -13.80
C ASN A 515 -7.60 22.47 -13.77
N MET A 516 -7.43 21.81 -12.65
CA MET A 516 -7.82 20.41 -12.55
C MET A 516 -9.30 20.17 -12.86
N LEU A 517 -10.13 21.19 -12.69
CA LEU A 517 -11.55 21.05 -12.96
C LEU A 517 -11.77 20.70 -14.41
N LEU A 518 -10.97 21.29 -15.30
CA LEU A 518 -11.10 21.02 -16.71
C LEU A 518 -10.61 19.63 -17.13
N PHE A 519 -9.69 19.04 -16.36
CA PHE A 519 -9.23 17.68 -16.66
C PHE A 519 -10.42 16.77 -16.41
N ALA A 520 -11.13 17.07 -15.32
CA ALA A 520 -12.31 16.31 -14.94
C ALA A 520 -13.38 16.46 -16.01
N ALA A 521 -13.65 17.71 -16.39
CA ALA A 521 -14.66 17.99 -17.40
C ALA A 521 -14.35 17.24 -18.68
N ALA A 522 -13.08 17.21 -19.06
CA ALA A 522 -12.67 16.50 -20.27
C ALA A 522 -13.12 15.03 -20.25
N CYS A 523 -13.20 14.44 -19.07
CA CYS A 523 -13.61 13.05 -18.95
C CYS A 523 -15.01 12.94 -18.39
N GLY A 524 -15.77 14.02 -18.52
CA GLY A 524 -17.15 14.03 -18.05
C GLY A 524 -17.35 13.70 -16.60
N ILE A 525 -16.42 14.17 -15.76
CA ILE A 525 -16.51 13.92 -14.33
C ILE A 525 -16.81 15.23 -13.61
N PRO A 526 -17.95 15.28 -12.89
CA PRO A 526 -18.33 16.49 -12.15
C PRO A 526 -17.24 16.91 -11.17
N ALA A 527 -16.95 18.21 -11.13
CA ALA A 527 -15.91 18.72 -10.25
C ALA A 527 -16.26 20.10 -9.71
N ALA A 528 -15.56 20.50 -8.66
CA ALA A 528 -15.76 21.81 -8.04
C ALA A 528 -14.49 22.21 -7.28
N ARG A 529 -14.35 23.50 -7.04
CA ARG A 529 -13.20 24.02 -6.31
C ARG A 529 -13.65 24.64 -4.97
N VAL A 530 -12.75 24.63 -3.99
CA VAL A 530 -13.03 25.22 -2.67
C VAL A 530 -11.80 25.99 -2.25
N THR A 531 -12.01 27.18 -1.71
CA THR A 531 -10.89 28.00 -1.28
C THR A 531 -11.09 28.49 0.14
N LYS A 532 -12.35 28.67 0.53
CA LYS A 532 -12.67 29.15 1.86
C LYS A 532 -13.04 28.01 2.82
N LYS A 533 -12.35 27.96 3.96
CA LYS A 533 -12.58 26.94 4.96
C LYS A 533 -14.05 26.82 5.33
N ALA A 534 -14.79 27.92 5.18
CA ALA A 534 -16.20 27.92 5.51
C ALA A 534 -17.03 27.04 4.58
N ASP A 535 -16.65 27.01 3.29
CA ASP A 535 -17.37 26.22 2.31
C ASP A 535 -16.92 24.76 2.23
N LEU A 536 -15.92 24.40 3.03
CA LEU A 536 -15.36 23.06 3.01
C LEU A 536 -16.32 21.89 3.30
N ARG A 537 -17.06 21.94 4.41
CA ARG A 537 -17.97 20.86 4.74
C ARG A 537 -19.01 20.62 3.65
N GLU A 538 -19.68 21.68 3.21
CA GLU A 538 -20.69 21.54 2.19
C GLU A 538 -20.09 20.97 0.90
N ALA A 539 -18.89 21.42 0.57
CA ALA A 539 -18.21 20.96 -0.65
C ALA A 539 -17.93 19.47 -0.57
N ILE A 540 -17.30 19.05 0.52
CA ILE A 540 -17.00 17.63 0.67
C ILE A 540 -18.29 16.84 0.67
N GLN A 541 -19.27 17.31 1.44
CA GLN A 541 -20.55 16.60 1.50
C GLN A 541 -21.12 16.40 0.10
N THR A 542 -21.00 17.43 -0.74
CA THR A 542 -21.50 17.35 -2.10
C THR A 542 -20.77 16.25 -2.86
N MET A 543 -19.44 16.29 -2.78
CA MET A 543 -18.61 15.28 -3.43
C MET A 543 -19.12 13.89 -3.05
N LEU A 544 -19.32 13.69 -1.75
CA LEU A 544 -19.79 12.40 -1.28
C LEU A 544 -21.21 12.08 -1.76
N ASP A 545 -22.11 13.04 -1.66
CA ASP A 545 -23.49 12.79 -2.06
C ASP A 545 -23.74 12.68 -3.56
N THR A 546 -22.91 13.33 -4.37
CA THR A 546 -23.09 13.25 -5.81
C THR A 546 -22.75 11.84 -6.29
N PRO A 547 -23.71 11.14 -6.88
CA PRO A 547 -23.48 9.78 -7.38
C PRO A 547 -22.40 9.74 -8.45
N GLY A 548 -21.60 8.68 -8.41
CA GLY A 548 -20.54 8.54 -9.40
C GLY A 548 -19.24 9.24 -9.03
N PRO A 549 -18.32 9.38 -9.99
CA PRO A 549 -17.02 10.02 -9.80
C PRO A 549 -17.17 11.49 -9.47
N TYR A 550 -16.21 12.04 -8.73
CA TYR A 550 -16.26 13.43 -8.38
C TYR A 550 -14.88 13.93 -8.01
N LEU A 551 -14.56 15.15 -8.42
CA LEU A 551 -13.27 15.75 -8.13
C LEU A 551 -13.43 17.06 -7.36
N LEU A 552 -12.92 17.10 -6.14
CA LEU A 552 -12.99 18.33 -5.35
C LEU A 552 -11.59 18.92 -5.26
N ASP A 553 -11.41 20.07 -5.89
CA ASP A 553 -10.11 20.75 -5.89
C ASP A 553 -10.07 21.65 -4.67
N VAL A 554 -9.31 21.24 -3.67
CA VAL A 554 -9.15 21.97 -2.41
C VAL A 554 -7.87 22.80 -2.39
N ILE A 555 -7.99 24.12 -2.50
CA ILE A 555 -6.83 24.99 -2.49
C ILE A 555 -6.30 25.16 -1.07
N CYS A 556 -4.99 25.01 -0.91
CA CYS A 556 -4.37 25.13 0.40
C CYS A 556 -3.13 26.01 0.34
N PRO A 557 -2.81 26.71 1.44
CA PRO A 557 -1.63 27.56 1.41
C PRO A 557 -0.42 26.62 1.40
N HIS A 558 0.52 26.87 0.49
CA HIS A 558 1.68 26.01 0.36
C HIS A 558 2.73 26.02 1.47
N GLN A 559 2.75 27.07 2.28
CA GLN A 559 3.74 27.16 3.36
C GLN A 559 3.52 26.17 4.51
N GLU A 560 2.51 25.32 4.41
CA GLU A 560 2.25 24.32 5.44
C GLU A 560 3.39 23.31 5.54
N HIS A 561 3.69 22.86 6.75
CA HIS A 561 4.74 21.88 6.97
C HIS A 561 4.22 20.69 7.75
N VAL A 562 4.66 19.49 7.38
CA VAL A 562 4.21 18.32 8.11
C VAL A 562 5.01 18.25 9.40
N LEU A 563 4.29 18.09 10.51
CA LEU A 563 4.90 18.01 11.82
C LEU A 563 4.18 16.96 12.64
N PRO A 564 4.88 16.35 13.62
CA PRO A 564 6.28 16.68 13.91
C PRO A 564 7.20 16.08 12.86
N MET A 565 8.50 16.29 13.02
CA MET A 565 9.45 15.76 12.05
C MET A 565 10.82 15.46 12.65
N ILE A 566 11.30 14.25 12.41
CA ILE A 566 12.63 13.86 12.88
C ILE A 566 13.46 13.73 11.61
N PRO A 567 14.44 14.65 11.42
CA PRO A 567 15.29 14.61 10.23
C PRO A 567 15.92 13.22 9.99
N SER A 568 16.12 12.89 8.72
CA SER A 568 16.69 11.59 8.36
C SER A 568 17.95 11.24 9.12
N GLY A 569 17.94 10.05 9.72
CA GLY A 569 19.09 9.58 10.48
C GLY A 569 19.20 10.25 11.84
N GLY A 570 18.09 10.88 12.25
CA GLY A 570 18.08 11.58 13.52
C GLY A 570 17.62 10.75 14.71
N THR A 571 17.55 11.42 15.86
CA THR A 571 17.14 10.82 17.12
C THR A 571 15.87 11.49 17.63
N PHE A 572 15.23 10.88 18.61
CA PHE A 572 14.01 11.44 19.17
C PHE A 572 14.27 12.86 19.69
N ASN A 573 15.52 13.12 20.07
CA ASN A 573 15.88 14.43 20.61
C ASN A 573 16.07 15.46 19.51
N ASP A 574 15.96 15.02 18.27
CA ASP A 574 16.13 15.90 17.12
C ASP A 574 14.77 16.25 16.52
N VAL A 575 13.70 15.75 17.14
CA VAL A 575 12.37 16.00 16.63
C VAL A 575 12.05 17.48 16.56
N ILE A 576 11.46 17.87 15.44
CA ILE A 576 11.06 19.24 15.19
C ILE A 576 9.56 19.28 15.42
N THR A 577 9.09 20.22 16.24
CA THR A 577 7.67 20.32 16.53
C THR A 577 7.02 21.64 16.12
N GLU A 578 7.79 22.55 15.55
CA GLU A 578 7.22 23.82 15.14
C GLU A 578 7.84 24.45 13.92
N GLY A 579 7.14 25.43 13.37
CA GLY A 579 7.60 26.13 12.20
C GLY A 579 6.92 25.69 10.93
N ASP A 580 7.06 26.52 9.90
CA ASP A 580 6.49 26.25 8.58
C ASP A 580 7.23 27.10 7.55
N GLY A 581 6.65 27.18 6.36
CA GLY A 581 7.29 27.93 5.29
C GLY A 581 7.06 29.44 5.32
N ARG A 582 6.38 29.93 6.35
CA ARG A 582 6.12 31.35 6.47
C ARG A 582 7.27 32.07 7.16
MG MG B . 1.57 19.63 -4.02
C5' 1CS C . 9.84 12.26 3.41
O4' 1CS C . 11.22 11.99 3.43
C4' 1CS C . 12.14 12.76 2.63
N5' 1CS C . 11.62 13.80 1.82
C6' 1CS C . 12.57 14.57 1.02
C7' 1CS C . 12.04 15.61 0.21
N1' 1CS C . 13.97 14.28 1.05
C2' 1CS C . 14.43 13.21 1.90
N10 1CS C . 15.74 12.91 1.95
C9 1CS C . 16.28 11.92 2.71
O9 1CS C . 15.71 11.12 3.47
N8 1CS C . 17.63 11.89 2.48
S7 1CS C . 18.62 10.78 3.22
O7A 1CS C . 19.06 10.91 4.58
O7B 1CS C . 19.58 11.01 2.15
C2 1CS C . 18.05 9.21 2.65
C3 1CS C . 18.10 8.22 3.74
C4 1CS C . 17.65 6.82 3.49
C5 1CS C . 17.14 6.43 2.14
C6 1CS C . 17.10 7.39 1.10
C1 1CS C . 17.54 8.78 1.32
N3' 1CS C . 13.48 12.48 2.65
CL11 1CS C . 17.44 9.85 0.00
C6 P22 D . 6.51 15.48 -3.65
C7 P22 D . 4.99 15.55 -4.03
O7 P22 D . 4.11 16.45 -4.74
PA P22 D . 2.52 16.55 -4.48
O1A P22 D . 2.03 17.81 -4.97
O2A P22 D . 1.82 15.52 -5.19
O3A P22 D . 2.14 16.48 -2.94
PB P22 D . 2.52 17.29 -1.64
O1B P22 D . 3.81 16.78 -1.15
O2B P22 D . 1.37 17.01 -0.80
O3B P22 D . 2.53 18.68 -2.12
PA FAD E . 6.13 -3.34 5.40
O1A FAD E . 4.88 -3.77 4.71
O2A FAD E . 7.11 -2.54 4.71
O5B FAD E . 6.91 -4.50 5.94
C5B FAD E . 6.14 -5.56 6.62
C4B FAD E . 7.07 -6.58 7.20
O4B FAD E . 6.19 -7.55 7.77
C3B FAD E . 8.12 -7.45 6.36
O3B FAD E . 9.38 -7.65 6.97
C2B FAD E . 7.31 -8.65 6.04
O2B FAD E . 7.86 -9.73 5.38
C1B FAD E . 6.61 -8.84 7.39
N9A FAD E . 5.33 -9.71 7.35
C8A FAD E . 4.44 -9.71 6.19
N7A FAD E . 3.39 -10.48 6.27
C5A FAD E . 3.50 -11.07 7.48
C6A FAD E . 2.70 -12.09 8.35
N6A FAD E . 1.57 -12.62 7.91
N1A FAD E . 3.20 -12.47 9.67
C2A FAD E . 4.43 -11.89 10.19
N3A FAD E . 5.22 -10.98 9.50
C4A FAD E . 4.73 -10.59 8.16
N1 FAD E . 6.62 5.12 7.79
C2 FAD E . 6.46 5.31 9.11
O2 FAD E . 6.11 4.35 9.79
N3 FAD E . 6.61 6.59 9.68
C4 FAD E . 6.89 7.75 8.89
O4 FAD E . 7.11 8.85 9.40
C4X FAD E . 6.96 7.54 7.44
N5 FAD E . 7.16 8.63 6.62
C5X FAD E . 7.19 8.42 5.25
C6 FAD E . 7.22 9.59 4.41
C7 FAD E . 7.07 9.45 3.00
C7M FAD E . 6.93 10.71 2.17
C8 FAD E . 6.94 8.11 2.40
C8M FAD E . 6.65 7.88 0.93
C9 FAD E . 7.00 6.96 3.24
C9A FAD E . 7.06 7.08 4.66
N10 FAD E . 7.00 5.96 5.55
C10 FAD E . 6.85 6.18 6.93
C1' FAD E . 6.70 4.59 5.01
C2' FAD E . 8.00 3.90 5.06
O2' FAD E . 8.80 4.19 3.92
C3' FAD E . 7.94 2.36 5.12
O3' FAD E . 7.12 1.96 3.89
C4' FAD E . 7.15 1.74 6.32
O4' FAD E . 7.78 2.32 7.59
C5' FAD E . 7.30 0.29 6.30
O5' FAD E . 6.57 -0.21 7.47
P FAD E . 6.47 -1.72 7.80
O1P FAD E . 7.86 -2.20 7.95
O2P FAD E . 5.72 -1.78 9.01
O3P FAD E . 5.65 -2.48 6.67
C3' NHE F . 13.23 -16.55 -5.23
C2' NHE F . 13.06 -17.43 -6.53
C1' NHE F . 12.34 -18.74 -6.08
C6' NHE F . 10.91 -18.32 -5.52
N NHE F . 12.32 -19.83 -7.08
C1 NHE F . 12.49 -21.04 -6.33
C2 NHE F . 12.54 -22.33 -7.00
S NHE F . 12.76 -23.35 -5.53
O1 NHE F . 11.53 -23.25 -4.45
O2 NHE F . 12.86 -24.92 -5.97
O3 NHE F . 14.09 -22.81 -4.73
C5' NHE F . 11.07 -17.45 -4.34
C4' NHE F . 11.81 -16.21 -4.60
#